data_1PYF
#
_entry.id   1PYF
#
_cell.length_a   46.277
_cell.length_b   88.101
_cell.length_c   94.566
_cell.angle_alpha   90.00
_cell.angle_beta   90.00
_cell.angle_gamma   90.00
#
_symmetry.space_group_name_H-M   'P 21 21 21'
#
loop_
_entity.id
_entity.type
_entity.pdbx_description
1 polymer 'IolS protein'
2 non-polymer 'SODIUM ION'
3 non-polymer 1,2-ETHANEDIOL
4 water water
#
_entity_poly.entity_id   1
_entity_poly.type   'polypeptide(L)'
_entity_poly.pdbx_seq_one_letter_code
;(MSE)KKAKLGKSDLQVFPIGLGTNAVGGHNLYPNLNEETGKELVREAIRNGVT(MSE)LDTAYIYGIGRSEELIGEVLR
EFNREDVVIATKAAHRKQGNDFVFDNSPDFLKKSVDESLKRLNTDYIDLFYIHFPDEHTPKDEAVNALNE(MSE)KKAGK
IRSIGVSNFSLEQLKEANKDGLVDVLQGEYNLLNREAEKTFFPYTKEHNISFIPYFPLVSGLLAGKYTEDTTFPEGDLRN
EQEHFKGERFKENIRKVNKLAPIAEKHNVDIPHIVLAWYLARPEIDILIPGAKRADQLIDNIKTADVTLSQEDISFIDKL
FAPG
;
_entity_poly.pdbx_strand_id   A
#
# COMPACT_ATOMS: atom_id res chain seq x y z
N LYS A 2 18.69 5.17 0.03
CA LYS A 2 18.02 5.75 -1.16
C LYS A 2 17.30 4.62 -1.95
N LYS A 3 17.70 3.35 -1.77
CA LYS A 3 17.03 2.21 -2.44
C LYS A 3 16.93 0.92 -1.61
N ALA A 4 15.72 0.37 -1.54
CA ALA A 4 15.47 -0.88 -0.81
C ALA A 4 15.13 -2.00 -1.83
N LYS A 5 15.56 -3.23 -1.52
CA LYS A 5 15.25 -4.40 -2.36
C LYS A 5 13.95 -5.01 -1.81
N LEU A 6 12.93 -5.18 -2.64
CA LEU A 6 11.66 -5.75 -2.19
C LEU A 6 11.61 -7.25 -2.05
N GLY A 7 12.09 -7.74 -0.91
CA GLY A 7 12.07 -9.17 -0.65
C GLY A 7 12.86 -9.94 -1.69
N LYS A 8 12.32 -11.08 -2.07
CA LYS A 8 12.87 -11.99 -3.06
C LYS A 8 12.95 -11.41 -4.47
N SER A 9 12.11 -10.40 -4.76
CA SER A 9 12.10 -9.82 -6.11
C SER A 9 13.37 -9.03 -6.39
N ASP A 10 13.62 -8.72 -7.65
CA ASP A 10 14.82 -7.92 -7.93
C ASP A 10 14.44 -6.44 -8.06
N LEU A 11 13.34 -6.05 -7.43
CA LEU A 11 12.87 -4.67 -7.50
C LEU A 11 13.60 -3.81 -6.50
N GLN A 12 14.20 -2.71 -6.98
CA GLN A 12 14.95 -1.77 -6.14
C GLN A 12 14.15 -0.48 -6.10
N VAL A 13 13.73 -0.05 -4.91
CA VAL A 13 12.91 1.19 -4.87
C VAL A 13 13.20 2.14 -3.69
N PHE A 14 12.90 3.44 -3.91
CA PHE A 14 13.01 4.45 -2.84
C PHE A 14 11.96 3.93 -1.84
N PRO A 15 12.20 4.02 -0.53
CA PRO A 15 11.27 3.52 0.51
C PRO A 15 9.91 4.17 0.72
N ILE A 16 9.62 5.27 0.03
CA ILE A 16 8.29 5.87 0.13
C ILE A 16 7.74 5.77 -1.32
N GLY A 17 6.64 5.06 -1.47
CA GLY A 17 6.00 4.93 -2.78
C GLY A 17 4.75 5.79 -2.84
N LEU A 18 4.05 5.78 -3.99
CA LEU A 18 2.82 6.60 -4.09
C LEU A 18 1.62 5.73 -4.33
N GLY A 19 0.58 5.90 -3.50
CA GLY A 19 -0.67 5.17 -3.70
C GLY A 19 -1.52 6.04 -4.64
N THR A 20 -2.12 5.46 -5.67
CA THR A 20 -2.86 6.25 -6.67
C THR A 20 -4.35 6.15 -6.73
N ASN A 21 -5.00 5.77 -5.63
CA ASN A 21 -6.45 5.65 -5.74
C ASN A 21 -7.25 6.94 -5.89
N ALA A 22 -6.58 8.08 -5.70
CA ALA A 22 -7.16 9.39 -5.89
C ALA A 22 -6.74 9.97 -7.27
N VAL A 23 -6.14 9.14 -8.13
CA VAL A 23 -5.77 9.61 -9.48
C VAL A 23 -6.85 8.94 -10.39
N GLY A 24 -7.88 9.70 -10.75
CA GLY A 24 -8.94 9.10 -11.55
C GLY A 24 -9.85 8.05 -10.83
N GLY A 25 -9.79 7.93 -9.51
CA GLY A 25 -10.64 6.92 -8.88
C GLY A 25 -12.06 7.45 -8.61
N HIS A 26 -12.80 7.74 -9.67
CA HIS A 26 -14.14 8.35 -9.55
C HIS A 26 -15.21 7.49 -8.85
N ASN A 27 -14.98 6.19 -8.79
CA ASN A 27 -15.93 5.30 -8.14
C ASN A 27 -15.65 5.31 -6.65
N LEU A 28 -14.53 5.92 -6.25
CA LEU A 28 -14.16 5.93 -4.84
C LEU A 28 -14.30 7.31 -4.18
N TYR A 29 -14.14 8.35 -4.98
CA TYR A 29 -14.19 9.72 -4.50
C TYR A 29 -14.97 10.62 -5.39
N PRO A 30 -15.72 11.53 -4.80
CA PRO A 30 -16.49 12.45 -5.62
C PRO A 30 -15.60 13.66 -5.87
N ASN A 31 -15.92 14.40 -6.93
CA ASN A 31 -15.23 15.63 -7.29
C ASN A 31 -13.71 15.56 -7.55
N LEU A 32 -13.21 14.46 -8.10
CA LEU A 32 -11.77 14.40 -8.38
C LEU A 32 -11.43 15.19 -9.64
N ASN A 33 -10.25 15.81 -9.66
CA ASN A 33 -9.75 16.55 -10.84
C ASN A 33 -8.68 15.66 -11.49
N GLU A 34 -8.87 15.29 -12.74
CA GLU A 34 -7.87 14.39 -13.35
C GLU A 34 -6.53 15.03 -13.58
N GLU A 35 -6.48 16.33 -13.87
CA GLU A 35 -5.16 16.97 -14.07
C GLU A 35 -4.42 17.07 -12.71
N THR A 36 -5.19 17.27 -11.64
CA THR A 36 -4.55 17.31 -10.31
C THR A 36 -3.93 15.94 -10.03
N GLY A 37 -4.62 14.88 -10.45
CA GLY A 37 -4.12 13.50 -10.27
C GLY A 37 -2.85 13.27 -11.10
N LYS A 38 -2.87 13.74 -12.36
CA LYS A 38 -1.67 13.58 -13.20
C LYS A 38 -0.47 14.35 -12.65
N GLU A 39 -0.70 15.55 -12.11
CA GLU A 39 0.41 16.35 -11.57
C GLU A 39 1.00 15.64 -10.33
N LEU A 40 0.14 14.97 -9.54
CA LEU A 40 0.56 14.22 -8.36
C LEU A 40 1.56 13.13 -8.81
N VAL A 41 1.16 12.35 -9.83
CA VAL A 41 2.05 11.27 -10.34
C VAL A 41 3.37 11.86 -10.92
N ARG A 42 3.25 12.88 -11.76
CA ARG A 42 4.42 13.54 -12.34
C ARG A 42 5.36 14.09 -11.24
N GLU A 43 4.80 14.77 -10.23
CA GLU A 43 5.68 15.35 -9.17
C GLU A 43 6.31 14.25 -8.29
N ALA A 44 5.59 13.14 -8.10
CA ALA A 44 6.16 12.04 -7.31
C ALA A 44 7.42 11.56 -8.03
N ILE A 45 7.28 11.26 -9.33
CA ILE A 45 8.42 10.80 -10.10
C ILE A 45 9.55 11.86 -10.11
N ARG A 46 9.19 13.13 -10.31
CA ARG A 46 10.25 14.18 -10.34
C ARG A 46 11.02 14.24 -9.04
N ASN A 47 10.33 13.97 -7.94
CA ASN A 47 10.95 14.02 -6.61
C ASN A 47 11.57 12.73 -6.11
N GLY A 48 11.72 11.76 -6.98
CA GLY A 48 12.41 10.55 -6.57
C GLY A 48 11.63 9.31 -6.13
N VAL A 49 10.31 9.40 -6.09
CA VAL A 49 9.52 8.21 -5.73
C VAL A 49 9.69 7.24 -6.93
N THR A 50 9.94 5.96 -6.64
CA THR A 50 10.16 4.96 -7.70
C THR A 50 8.87 4.16 -7.95
N LEU A 52 4.90 3.29 -8.02
CA LEU A 52 3.55 3.81 -8.20
C LEU A 52 2.69 2.54 -8.06
N ASP A 53 1.78 2.56 -7.08
CA ASP A 53 0.89 1.47 -6.77
C ASP A 53 -0.56 1.87 -7.19
N THR A 54 -1.12 1.09 -8.12
CA THR A 54 -2.47 1.31 -8.66
C THR A 54 -3.25 0.00 -8.65
N ALA A 55 -4.42 -0.02 -9.31
CA ALA A 55 -5.28 -1.23 -9.32
C ALA A 55 -6.41 -1.00 -10.32
N TYR A 56 -6.94 -2.07 -10.87
CA TYR A 56 -8.07 -1.91 -11.78
C TYR A 56 -9.24 -1.15 -11.11
N ILE A 57 -9.58 -1.58 -9.91
CA ILE A 57 -10.74 -0.97 -9.24
C ILE A 57 -10.58 0.53 -9.02
N TYR A 58 -9.35 1.07 -9.07
CA TYR A 58 -9.21 2.53 -8.91
C TYR A 58 -9.73 3.21 -10.18
N GLY A 59 -10.98 3.65 -10.11
CA GLY A 59 -11.59 4.27 -11.27
C GLY A 59 -11.98 3.28 -12.35
N ILE A 60 -11.98 1.99 -12.00
CA ILE A 60 -12.32 0.95 -12.98
C ILE A 60 -11.50 1.10 -14.26
N GLY A 61 -10.20 1.18 -14.06
CA GLY A 61 -9.30 1.34 -15.19
C GLY A 61 -8.75 2.74 -15.37
N ARG A 62 -9.42 3.78 -14.85
CA ARG A 62 -8.99 5.14 -15.12
C ARG A 62 -7.66 5.56 -14.47
N SER A 63 -7.38 5.08 -13.27
CA SER A 63 -6.11 5.42 -12.62
C SER A 63 -4.95 4.88 -13.52
N GLU A 64 -5.05 3.63 -13.95
CA GLU A 64 -4.03 3.06 -14.83
C GLU A 64 -3.92 3.86 -16.15
N GLU A 65 -5.04 4.31 -16.72
CA GLU A 65 -4.92 5.09 -17.98
C GLU A 65 -4.22 6.43 -17.72
N LEU A 66 -4.52 7.07 -16.59
CA LEU A 66 -3.89 8.37 -16.34
C LEU A 66 -2.39 8.23 -16.01
N ILE A 67 -2.06 7.18 -15.28
CA ILE A 67 -0.65 6.95 -14.93
C ILE A 67 0.11 6.69 -16.25
N GLY A 68 -0.50 5.89 -17.11
CA GLY A 68 0.11 5.57 -18.40
C GLY A 68 0.38 6.83 -19.22
N GLU A 69 -0.53 7.80 -19.17
CA GLU A 69 -0.30 9.04 -19.92
C GLU A 69 0.93 9.79 -19.34
N VAL A 70 1.04 9.82 -18.01
CA VAL A 70 2.19 10.53 -17.43
C VAL A 70 3.49 9.79 -17.72
N LEU A 71 3.40 8.47 -17.76
CA LEU A 71 4.59 7.64 -18.01
C LEU A 71 5.30 8.03 -19.33
N ARG A 72 4.51 8.42 -20.33
CA ARG A 72 5.07 8.84 -21.64
C ARG A 72 6.11 9.96 -21.51
N GLU A 73 6.00 10.76 -20.45
CA GLU A 73 6.86 11.90 -20.22
C GLU A 73 8.22 11.54 -19.63
N PHE A 74 8.35 10.29 -19.20
CA PHE A 74 9.60 9.84 -18.52
C PHE A 74 10.14 8.57 -19.19
N ASN A 75 11.19 7.97 -18.61
CA ASN A 75 11.77 6.74 -19.16
C ASN A 75 11.14 5.59 -18.37
N ARG A 76 10.55 4.64 -19.10
CA ARG A 76 9.85 3.55 -18.45
C ARG A 76 10.68 2.79 -17.41
N GLU A 77 11.95 2.53 -17.72
CA GLU A 77 12.75 1.76 -16.76
C GLU A 77 13.12 2.51 -15.47
N ASP A 78 12.87 3.82 -15.40
CA ASP A 78 13.18 4.60 -14.19
C ASP A 78 12.07 4.51 -13.16
N VAL A 79 10.97 3.87 -13.54
CA VAL A 79 9.79 3.77 -12.66
C VAL A 79 9.42 2.31 -12.41
N VAL A 80 8.88 2.04 -11.21
CA VAL A 80 8.41 0.68 -10.87
C VAL A 80 6.89 0.76 -10.74
N ILE A 81 6.15 0.06 -11.62
CA ILE A 81 4.67 0.07 -11.59
C ILE A 81 4.11 -1.21 -10.95
N ALA A 82 3.24 -1.05 -9.95
CA ALA A 82 2.64 -2.19 -9.29
C ALA A 82 1.14 -2.00 -9.55
N THR A 83 0.47 -3.05 -9.99
CA THR A 83 -0.96 -2.92 -10.16
C THR A 83 -1.62 -4.22 -9.72
N LYS A 84 -2.95 -4.31 -9.79
CA LYS A 84 -3.65 -5.45 -9.22
C LYS A 84 -4.96 -5.73 -9.91
N ALA A 85 -5.44 -6.95 -9.78
CA ALA A 85 -6.70 -7.35 -10.36
C ALA A 85 -7.38 -8.45 -9.52
N ALA A 86 -8.71 -8.52 -9.65
CA ALA A 86 -9.56 -9.54 -8.99
C ALA A 86 -11.03 -9.21 -9.24
N HIS A 87 -11.41 -7.94 -9.17
CA HIS A 87 -12.81 -7.52 -9.37
C HIS A 87 -13.31 -7.83 -10.78
N ARG A 88 -14.45 -8.49 -10.85
CA ARG A 88 -15.07 -8.90 -12.13
C ARG A 88 -16.52 -8.36 -12.12
N LYS A 89 -16.90 -7.59 -13.13
CA LYS A 89 -18.25 -7.02 -13.15
C LYS A 89 -19.32 -8.12 -13.20
N GLN A 90 -20.32 -7.97 -12.34
CA GLN A 90 -21.44 -8.91 -12.20
C GLN A 90 -22.69 -8.09 -11.86
N GLY A 91 -23.60 -7.89 -12.80
CA GLY A 91 -24.76 -7.08 -12.46
C GLY A 91 -24.31 -5.63 -12.28
N ASN A 92 -24.63 -4.99 -11.15
CA ASN A 92 -24.19 -3.61 -10.97
C ASN A 92 -23.10 -3.46 -9.93
N ASP A 93 -22.46 -4.58 -9.60
CA ASP A 93 -21.32 -4.56 -8.69
C ASP A 93 -20.24 -5.52 -9.23
N PHE A 94 -19.45 -6.11 -8.34
CA PHE A 94 -18.38 -7.00 -8.73
C PHE A 94 -18.34 -8.24 -7.82
N VAL A 95 -17.70 -9.31 -8.32
CA VAL A 95 -17.43 -10.52 -7.57
C VAL A 95 -15.91 -10.72 -7.73
N PHE A 96 -15.26 -11.49 -6.87
CA PHE A 96 -13.83 -11.73 -7.07
C PHE A 96 -13.57 -12.96 -7.94
N ASP A 97 -12.55 -12.87 -8.80
CA ASP A 97 -12.19 -13.97 -9.70
C ASP A 97 -10.64 -14.10 -9.69
N ASN A 98 -10.13 -15.28 -9.36
CA ASN A 98 -8.69 -15.52 -9.38
C ASN A 98 -8.39 -16.65 -10.39
N SER A 99 -9.34 -16.98 -11.26
CA SER A 99 -9.08 -18.07 -12.20
C SER A 99 -7.90 -17.74 -13.11
N PRO A 100 -7.13 -18.76 -13.51
CA PRO A 100 -5.97 -18.53 -14.38
C PRO A 100 -6.27 -17.70 -15.64
N ASP A 101 -7.33 -18.04 -16.38
CA ASP A 101 -7.55 -17.27 -17.61
C ASP A 101 -7.92 -15.83 -17.30
N PHE A 102 -8.68 -15.61 -16.23
CA PHE A 102 -9.08 -14.23 -15.88
C PHE A 102 -7.83 -13.36 -15.51
N LEU A 103 -6.92 -13.92 -14.71
CA LEU A 103 -5.77 -13.15 -14.26
C LEU A 103 -4.87 -12.87 -15.46
N LYS A 104 -4.73 -13.83 -16.36
CA LYS A 104 -3.86 -13.56 -17.50
C LYS A 104 -4.46 -12.48 -18.42
N LYS A 105 -5.77 -12.56 -18.61
CA LYS A 105 -6.44 -11.56 -19.45
C LYS A 105 -6.38 -10.20 -18.77
N SER A 106 -6.47 -10.18 -17.44
CA SER A 106 -6.38 -8.91 -16.70
C SER A 106 -5.02 -8.26 -16.83
N VAL A 107 -3.97 -9.09 -16.89
CA VAL A 107 -2.62 -8.53 -17.07
C VAL A 107 -2.55 -7.90 -18.48
N ASP A 108 -3.03 -8.61 -19.50
CA ASP A 108 -3.04 -8.07 -20.89
C ASP A 108 -3.83 -6.73 -20.94
N GLU A 109 -5.00 -6.67 -20.30
CA GLU A 109 -5.80 -5.46 -20.36
C GLU A 109 -5.15 -4.32 -19.58
N SER A 110 -4.47 -4.65 -18.49
CA SER A 110 -3.78 -3.62 -17.71
C SER A 110 -2.63 -3.00 -18.57
N LEU A 111 -1.88 -3.84 -19.27
CA LEU A 111 -0.76 -3.33 -20.10
C LEU A 111 -1.30 -2.38 -21.14
N LYS A 112 -2.49 -2.70 -21.71
CA LYS A 112 -3.09 -1.79 -22.70
C LYS A 112 -3.51 -0.48 -22.07
N ARG A 113 -4.11 -0.50 -20.88
CA ARG A 113 -4.49 0.78 -20.26
C ARG A 113 -3.27 1.65 -19.89
N LEU A 114 -2.24 1.01 -19.33
CA LEU A 114 -1.00 1.71 -18.96
C LEU A 114 -0.20 2.11 -20.21
N ASN A 115 -0.49 1.49 -21.35
CA ASN A 115 0.23 1.72 -22.62
C ASN A 115 1.75 1.46 -22.42
N THR A 116 2.07 0.26 -21.93
CA THR A 116 3.47 -0.14 -21.67
C THR A 116 3.58 -1.64 -21.96
N ASP A 117 4.80 -2.14 -22.10
CA ASP A 117 4.98 -3.53 -22.43
C ASP A 117 5.21 -4.47 -21.25
N TYR A 118 5.45 -3.93 -20.05
CA TYR A 118 5.59 -4.82 -18.90
C TYR A 118 5.16 -4.06 -17.65
N ILE A 119 4.82 -4.85 -16.63
CA ILE A 119 4.43 -4.36 -15.30
C ILE A 119 5.53 -4.90 -14.36
N ASP A 120 5.99 -4.09 -13.40
CA ASP A 120 7.03 -4.59 -12.51
C ASP A 120 6.50 -5.56 -11.43
N LEU A 121 5.36 -5.24 -10.82
CA LEU A 121 4.75 -6.09 -9.76
C LEU A 121 3.24 -6.18 -10.00
N PHE A 122 2.72 -7.41 -10.06
CA PHE A 122 1.28 -7.60 -10.31
C PHE A 122 0.70 -8.41 -9.15
N TYR A 123 -0.33 -7.85 -8.52
CA TYR A 123 -1.01 -8.51 -7.38
C TYR A 123 -2.35 -9.14 -7.67
N ILE A 124 -2.67 -10.22 -6.91
CA ILE A 124 -4.04 -10.76 -6.92
C ILE A 124 -4.60 -9.81 -5.79
N HIS A 125 -5.53 -8.90 -6.13
CA HIS A 125 -6.01 -7.88 -5.20
C HIS A 125 -6.82 -8.40 -3.98
N PHE A 126 -7.67 -9.40 -4.23
CA PHE A 126 -8.48 -10.02 -3.15
C PHE A 126 -8.60 -11.46 -3.59
N PRO A 127 -8.65 -12.40 -2.61
CA PRO A 127 -8.79 -13.84 -2.91
C PRO A 127 -10.24 -14.20 -3.30
N ASP A 128 -10.43 -15.10 -4.28
CA ASP A 128 -11.80 -15.51 -4.60
C ASP A 128 -12.08 -16.75 -3.72
N GLU A 129 -13.24 -17.35 -3.86
CA GLU A 129 -13.53 -18.52 -3.02
C GLU A 129 -13.11 -19.86 -3.55
N HIS A 130 -13.27 -20.09 -4.85
CA HIS A 130 -13.00 -21.43 -5.39
C HIS A 130 -11.71 -21.78 -6.11
N THR A 131 -10.91 -20.79 -6.51
CA THR A 131 -9.68 -21.11 -7.22
C THR A 131 -8.53 -21.47 -6.28
N PRO A 132 -7.90 -22.66 -6.46
CA PRO A 132 -6.77 -23.10 -5.63
C PRO A 132 -5.72 -21.98 -5.85
N LYS A 133 -5.23 -21.37 -4.77
CA LYS A 133 -4.32 -20.22 -4.94
C LYS A 133 -2.97 -20.43 -5.55
N ASP A 134 -2.47 -21.66 -5.50
CA ASP A 134 -1.22 -21.93 -6.13
C ASP A 134 -1.40 -21.96 -7.67
N GLU A 135 -2.58 -22.30 -8.14
CA GLU A 135 -2.82 -22.32 -9.61
C GLU A 135 -2.99 -20.88 -10.10
N ALA A 136 -3.66 -20.07 -9.30
CA ALA A 136 -3.83 -18.64 -9.63
C ALA A 136 -2.41 -18.04 -9.75
N VAL A 137 -1.54 -18.27 -8.75
CA VAL A 137 -0.18 -17.74 -8.79
C VAL A 137 0.62 -18.32 -9.98
N ASN A 138 0.44 -19.62 -10.23
CA ASN A 138 1.13 -20.21 -11.37
C ASN A 138 0.71 -19.49 -12.68
N ALA A 139 -0.56 -19.09 -12.78
CA ALA A 139 -0.97 -18.38 -14.00
C ALA A 139 -0.15 -17.07 -14.12
N LEU A 140 0.04 -16.33 -13.01
CA LEU A 140 0.83 -15.10 -13.11
C LEU A 140 2.28 -15.45 -13.43
N ASN A 141 2.75 -16.60 -12.97
CA ASN A 141 4.13 -16.95 -13.26
C ASN A 141 4.33 -17.18 -14.77
N GLU A 142 3.28 -17.59 -15.48
CA GLU A 142 3.42 -17.77 -16.93
C GLU A 142 3.65 -16.38 -17.53
N LYS A 144 5.09 -13.93 -15.96
CA LYS A 144 6.41 -13.49 -15.51
C LYS A 144 7.47 -14.09 -16.44
N LYS A 145 7.28 -15.36 -16.77
CA LYS A 145 8.19 -16.05 -17.67
C LYS A 145 8.24 -15.35 -19.03
N ALA A 146 7.10 -14.86 -19.49
CA ALA A 146 7.04 -14.19 -20.78
C ALA A 146 7.46 -12.73 -20.73
N GLY A 147 7.86 -12.25 -19.56
CA GLY A 147 8.32 -10.88 -19.43
C GLY A 147 7.21 -9.84 -19.26
N LYS A 148 5.96 -10.28 -19.22
CA LYS A 148 4.84 -9.32 -19.09
C LYS A 148 4.77 -8.66 -17.70
N ILE A 149 5.15 -9.43 -16.66
CA ILE A 149 5.26 -8.91 -15.27
C ILE A 149 6.65 -9.36 -14.77
N ARG A 150 7.16 -8.72 -13.73
CA ARG A 150 8.49 -9.06 -13.22
C ARG A 150 8.48 -9.60 -11.81
N SER A 151 7.30 -9.60 -11.16
CA SER A 151 7.17 -10.03 -9.75
C SER A 151 5.69 -10.25 -9.46
N ILE A 152 5.40 -11.11 -8.48
CA ILE A 152 4.03 -11.45 -8.15
C ILE A 152 3.72 -11.12 -6.69
N GLY A 153 2.56 -10.52 -6.45
CA GLY A 153 2.16 -10.24 -5.08
C GLY A 153 0.74 -10.71 -4.81
N VAL A 154 0.38 -10.81 -3.53
CA VAL A 154 -1.00 -11.09 -3.15
C VAL A 154 -1.39 -10.08 -2.07
N SER A 155 -2.68 -9.84 -1.92
CA SER A 155 -3.18 -8.87 -0.95
C SER A 155 -4.49 -9.36 -0.34
N ASN A 156 -4.73 -9.07 0.94
CA ASN A 156 -5.98 -9.45 1.60
C ASN A 156 -6.17 -10.97 1.69
N PHE A 157 -5.07 -11.69 1.66
CA PHE A 157 -5.06 -13.16 1.80
C PHE A 157 -4.89 -13.53 3.31
N SER A 158 -5.58 -14.57 3.74
CA SER A 158 -5.42 -15.05 5.12
C SER A 158 -4.08 -15.80 5.09
N LEU A 159 -3.54 -16.15 6.27
CA LEU A 159 -2.26 -16.86 6.32
C LEU A 159 -2.33 -18.20 5.58
N GLU A 160 -3.45 -18.91 5.70
CA GLU A 160 -3.57 -20.19 5.04
C GLU A 160 -3.60 -20.00 3.51
N GLN A 161 -4.24 -18.92 3.05
CA GLN A 161 -4.34 -18.64 1.60
C GLN A 161 -2.95 -18.28 1.11
N LEU A 162 -2.20 -17.50 1.91
CA LEU A 162 -0.83 -17.14 1.52
C LEU A 162 0.03 -18.41 1.37
N LYS A 163 -0.06 -19.34 2.34
CA LYS A 163 0.77 -20.55 2.26
C LYS A 163 0.42 -21.36 1.03
N GLU A 164 -0.86 -21.42 0.69
CA GLU A 164 -1.22 -22.19 -0.51
C GLU A 164 -0.63 -21.46 -1.75
N ALA A 165 -0.80 -20.15 -1.78
CA ALA A 165 -0.30 -19.36 -2.91
C ALA A 165 1.20 -19.45 -3.09
N ASN A 166 1.94 -19.60 -1.99
CA ASN A 166 3.40 -19.63 -2.04
C ASN A 166 3.93 -21.08 -2.03
N LYS A 167 3.02 -22.02 -2.35
CA LYS A 167 3.34 -23.44 -2.38
C LYS A 167 4.66 -23.69 -3.08
N ASP A 168 4.86 -23.03 -4.23
CA ASP A 168 6.09 -23.16 -5.00
C ASP A 168 7.05 -22.01 -4.83
N GLY A 169 6.83 -21.18 -3.81
CA GLY A 169 7.72 -20.08 -3.54
C GLY A 169 7.70 -18.92 -4.52
N LEU A 170 6.60 -18.77 -5.23
CA LEU A 170 6.51 -17.69 -6.23
C LEU A 170 5.97 -16.30 -5.74
N VAL A 171 5.48 -16.20 -4.50
CA VAL A 171 4.97 -14.92 -4.00
C VAL A 171 6.15 -14.08 -3.51
N ASP A 172 6.29 -12.85 -4.03
CA ASP A 172 7.41 -12.01 -3.61
C ASP A 172 7.04 -10.90 -2.63
N VAL A 173 5.77 -10.49 -2.68
CA VAL A 173 5.25 -9.39 -1.86
C VAL A 173 3.85 -9.64 -1.33
N LEU A 174 3.59 -9.20 -0.10
CA LEU A 174 2.26 -9.34 0.51
C LEU A 174 1.79 -7.98 0.98
N GLN A 175 0.58 -7.56 0.62
CA GLN A 175 0.04 -6.30 1.14
C GLN A 175 -1.07 -6.66 2.16
N GLY A 176 -0.98 -6.11 3.37
CA GLY A 176 -1.99 -6.47 4.39
C GLY A 176 -2.16 -5.35 5.43
N GLU A 177 -3.27 -5.37 6.17
CA GLU A 177 -3.50 -4.31 7.15
C GLU A 177 -2.52 -4.42 8.30
N TYR A 178 -1.92 -3.29 8.66
CA TYR A 178 -0.95 -3.24 9.76
C TYR A 178 -0.72 -1.79 10.18
N ASN A 179 -0.77 -1.50 11.47
CA ASN A 179 -0.50 -0.15 11.96
C ASN A 179 -0.33 -0.27 13.50
N LEU A 180 0.06 0.83 14.14
CA LEU A 180 0.30 0.77 15.60
C LEU A 180 -0.92 0.40 16.44
N LEU A 181 -2.12 0.53 15.86
CA LEU A 181 -3.31 0.18 16.62
C LEU A 181 -3.86 -1.21 16.26
N ASN A 182 -3.30 -1.85 15.23
CA ASN A 182 -3.72 -3.20 14.84
C ASN A 182 -2.41 -3.91 14.44
N ARG A 183 -1.70 -4.47 15.42
CA ARG A 183 -0.39 -5.09 15.15
C ARG A 183 -0.45 -6.63 15.04
N GLU A 184 -1.64 -7.16 14.81
CA GLU A 184 -1.82 -8.61 14.71
C GLU A 184 -0.86 -9.28 13.72
N ALA A 185 -0.53 -8.60 12.61
CA ALA A 185 0.39 -9.23 11.60
C ALA A 185 1.75 -9.66 12.19
N GLU A 186 2.16 -9.05 13.30
CA GLU A 186 3.40 -9.43 13.93
C GLU A 186 3.37 -10.90 14.42
N LYS A 187 2.20 -11.39 14.83
CA LYS A 187 2.09 -12.74 15.35
C LYS A 187 1.92 -13.80 14.27
N THR A 188 1.22 -13.41 13.22
CA THR A 188 0.89 -14.36 12.18
C THR A 188 1.72 -14.33 10.90
N PHE A 189 1.57 -13.23 10.18
CA PHE A 189 2.25 -13.09 8.92
C PHE A 189 3.74 -12.85 9.00
N PHE A 190 4.17 -11.94 9.88
CA PHE A 190 5.58 -11.58 9.95
C PHE A 190 6.58 -12.73 10.08
N PRO A 191 6.35 -13.67 10.99
CA PRO A 191 7.34 -14.78 11.08
C PRO A 191 7.45 -15.50 9.72
N TYR A 192 6.30 -15.72 9.06
CA TYR A 192 6.30 -16.40 7.76
C TYR A 192 6.93 -15.55 6.62
N THR A 193 6.56 -14.27 6.50
CA THR A 193 7.14 -13.47 5.43
C THR A 193 8.64 -13.24 5.64
N LYS A 194 9.06 -13.03 6.89
CA LYS A 194 10.49 -12.84 7.15
C LYS A 194 11.26 -14.11 6.80
N GLU A 195 10.75 -15.26 7.22
CA GLU A 195 11.44 -16.52 6.90
C GLU A 195 11.57 -16.73 5.40
N HIS A 196 10.50 -16.42 4.65
CA HIS A 196 10.52 -16.61 3.22
C HIS A 196 11.01 -15.45 2.37
N ASN A 197 11.40 -14.35 3.03
CA ASN A 197 11.89 -13.15 2.32
C ASN A 197 10.82 -12.60 1.39
N ILE A 198 9.60 -12.58 1.89
CA ILE A 198 8.45 -12.01 1.18
C ILE A 198 8.38 -10.55 1.74
N SER A 199 8.37 -9.54 0.86
CA SER A 199 8.29 -8.13 1.35
C SER A 199 6.87 -7.84 1.87
N PHE A 200 6.75 -7.19 3.06
CA PHE A 200 5.42 -6.88 3.61
C PHE A 200 5.09 -5.39 3.46
N ILE A 201 4.02 -5.06 2.72
CA ILE A 201 3.65 -3.63 2.57
C ILE A 201 2.35 -3.38 3.33
N PRO A 202 2.37 -2.50 4.35
CA PRO A 202 1.11 -2.27 5.07
C PRO A 202 0.07 -1.41 4.39
N TYR A 203 -1.20 -1.69 4.67
CA TYR A 203 -2.15 -0.68 4.20
C TYR A 203 -2.83 -0.11 5.47
N PHE A 204 -3.42 1.07 5.36
CA PHE A 204 -3.99 1.80 6.51
C PHE A 204 -2.88 2.12 7.54
N PRO A 205 -1.69 2.55 7.08
CA PRO A 205 -0.61 2.83 8.07
C PRO A 205 -0.89 3.95 9.11
N LEU A 206 -1.76 4.90 8.78
CA LEU A 206 -2.03 6.03 9.69
C LEU A 206 -3.46 6.06 10.29
N VAL A 207 -4.23 5.00 10.07
CA VAL A 207 -5.60 4.86 10.60
C VAL A 207 -6.46 6.10 10.34
N SER A 208 -6.66 6.38 9.05
CA SER A 208 -7.45 7.54 8.62
C SER A 208 -7.02 8.80 9.33
N GLY A 209 -5.70 9.00 9.45
CA GLY A 209 -5.21 10.19 10.10
C GLY A 209 -5.06 10.18 11.63
N LEU A 210 -5.63 9.19 12.31
CA LEU A 210 -5.52 9.14 13.78
C LEU A 210 -4.03 9.11 14.22
N LEU A 211 -3.23 8.27 13.56
CA LEU A 211 -1.81 8.20 13.95
C LEU A 211 -0.99 9.37 13.40
N ALA A 212 -1.60 10.28 12.62
CA ALA A 212 -0.86 11.46 12.14
C ALA A 212 -0.98 12.64 13.10
N GLY A 213 -1.65 12.44 14.23
CA GLY A 213 -1.80 13.50 15.23
C GLY A 213 -2.61 14.69 14.70
N LYS A 214 -3.59 14.39 13.88
CA LYS A 214 -4.44 15.43 13.27
C LYS A 214 -5.67 15.85 14.10
N TYR A 215 -6.08 15.02 15.06
CA TYR A 215 -7.28 15.27 15.87
C TYR A 215 -7.02 15.52 17.37
N THR A 216 -8.09 15.84 18.10
CA THR A 216 -8.00 16.05 19.54
C THR A 216 -9.11 15.17 20.16
N GLU A 217 -9.14 15.04 21.49
CA GLU A 217 -10.18 14.19 22.01
C GLU A 217 -11.60 14.77 21.85
N ASP A 218 -11.68 16.04 21.43
CA ASP A 218 -12.99 16.67 21.20
C ASP A 218 -13.43 16.63 19.74
N THR A 219 -12.59 16.08 18.87
CA THR A 219 -12.91 16.01 17.46
C THR A 219 -14.14 15.16 17.18
N THR A 220 -14.95 15.62 16.21
CA THR A 220 -16.14 14.87 15.75
C THR A 220 -16.07 14.97 14.25
N PHE A 221 -16.76 14.09 13.57
CA PHE A 221 -16.78 14.15 12.11
C PHE A 221 -18.24 14.21 11.65
N PRO A 222 -18.50 14.91 10.51
CA PRO A 222 -19.85 15.07 9.92
C PRO A 222 -20.58 13.73 9.76
N GLU A 223 -21.91 13.76 9.88
CA GLU A 223 -22.70 12.53 9.75
C GLU A 223 -22.42 11.87 8.41
N GLY A 224 -22.40 10.53 8.41
CA GLY A 224 -22.10 9.82 7.16
C GLY A 224 -20.59 9.64 6.97
N ASP A 225 -19.78 10.24 7.84
CA ASP A 225 -18.33 10.12 7.75
C ASP A 225 -17.93 8.70 8.19
N LEU A 226 -17.19 8.02 7.34
CA LEU A 226 -16.75 6.64 7.64
C LEU A 226 -16.01 6.47 8.96
N ARG A 227 -15.22 7.47 9.35
CA ARG A 227 -14.47 7.41 10.61
C ARG A 227 -15.41 7.13 11.78
N ASN A 228 -16.62 7.71 11.76
CA ASN A 228 -17.60 7.52 12.85
C ASN A 228 -17.98 6.04 13.11
N GLU A 229 -17.77 5.20 12.11
CA GLU A 229 -18.09 3.75 12.18
C GLU A 229 -17.03 2.88 12.89
N GLN A 230 -15.76 3.26 12.73
CA GLN A 230 -14.65 2.52 13.31
C GLN A 230 -14.51 2.67 14.82
N GLU A 231 -14.21 1.57 15.50
CA GLU A 231 -14.07 1.57 16.95
C GLU A 231 -12.87 2.37 17.49
N HIS A 232 -11.82 2.47 16.69
CA HIS A 232 -10.65 3.25 17.11
C HIS A 232 -11.08 4.71 17.31
N PHE A 233 -12.17 5.09 16.64
CA PHE A 233 -12.69 6.46 16.69
C PHE A 233 -13.86 6.69 17.64
N LYS A 234 -14.18 5.70 18.47
CA LYS A 234 -15.30 5.82 19.40
C LYS A 234 -14.99 5.75 20.92
N GLY A 235 -15.80 6.45 21.70
CA GLY A 235 -15.68 6.45 23.15
C GLY A 235 -14.33 6.68 23.79
N GLU A 236 -14.07 5.95 24.89
CA GLU A 236 -12.81 6.09 25.63
C GLU A 236 -11.60 5.58 24.89
N ARG A 237 -11.84 4.66 23.97
CA ARG A 237 -10.79 4.06 23.16
C ARG A 237 -10.17 5.19 22.32
N PHE A 238 -11.02 6.00 21.68
CA PHE A 238 -10.60 7.13 20.88
C PHE A 238 -9.77 8.09 21.72
N LYS A 239 -10.25 8.46 22.90
CA LYS A 239 -9.51 9.39 23.76
C LYS A 239 -8.17 8.75 24.18
N GLU A 240 -8.17 7.44 24.45
CA GLU A 240 -6.92 6.80 24.83
C GLU A 240 -5.99 6.86 23.62
N ASN A 241 -6.52 6.59 22.42
CA ASN A 241 -5.68 6.65 21.22
C ASN A 241 -5.07 8.03 21.02
N ILE A 242 -5.87 9.08 21.19
CA ILE A 242 -5.34 10.44 21.05
C ILE A 242 -4.19 10.72 22.07
N ARG A 243 -4.38 10.32 23.33
CA ARG A 243 -3.34 10.57 24.35
C ARG A 243 -2.01 9.87 24.01
N LYS A 244 -2.05 8.63 23.51
CA LYS A 244 -0.79 7.92 23.13
C LYS A 244 -0.14 8.58 21.91
N VAL A 245 -0.93 8.95 20.89
CA VAL A 245 -0.35 9.57 19.71
C VAL A 245 0.36 10.85 20.09
N ASN A 246 -0.24 11.61 21.02
CA ASN A 246 0.35 12.88 21.38
C ASN A 246 1.70 12.74 22.09
N LYS A 247 1.92 11.58 22.71
CA LYS A 247 3.19 11.32 23.38
C LYS A 247 4.33 11.13 22.40
N LEU A 248 3.98 11.11 21.11
CA LEU A 248 4.98 11.00 20.06
C LEU A 248 5.54 12.40 19.70
N ALA A 249 4.88 13.47 20.14
CA ALA A 249 5.36 14.80 19.75
C ALA A 249 6.83 15.11 20.10
N PRO A 250 7.34 14.71 21.31
CA PRO A 250 8.75 15.04 21.58
C PRO A 250 9.75 14.33 20.66
N ILE A 251 9.42 13.12 20.20
CA ILE A 251 10.33 12.37 19.32
C ILE A 251 10.30 13.08 17.95
N ALA A 252 9.10 13.46 17.49
CA ALA A 252 9.04 14.17 16.20
C ALA A 252 9.85 15.49 16.30
N GLU A 253 9.64 16.30 17.35
CA GLU A 253 10.41 17.57 17.48
C GLU A 253 11.92 17.31 17.44
N LYS A 254 12.35 16.32 18.21
CA LYS A 254 13.77 15.95 18.24
C LYS A 254 14.34 15.63 16.85
N HIS A 255 13.55 14.99 15.98
CA HIS A 255 14.01 14.61 14.64
C HIS A 255 13.63 15.67 13.59
N ASN A 256 13.10 16.79 14.05
CA ASN A 256 12.69 17.84 13.13
C ASN A 256 11.71 17.42 12.03
N VAL A 257 10.72 16.60 12.40
CA VAL A 257 9.69 16.18 11.45
C VAL A 257 8.38 16.21 12.19
N ASP A 258 7.32 15.68 11.59
CA ASP A 258 6.03 15.68 12.29
C ASP A 258 5.73 14.27 12.79
N ILE A 259 4.67 14.14 13.58
CA ILE A 259 4.27 12.82 14.12
C ILE A 259 4.12 11.70 13.09
N PRO A 260 3.36 11.94 11.98
CA PRO A 260 3.23 10.84 11.01
C PRO A 260 4.57 10.38 10.44
N HIS A 261 5.56 11.28 10.37
CA HIS A 261 6.86 10.84 9.81
C HIS A 261 7.52 9.88 10.77
N ILE A 262 7.35 10.13 12.08
CA ILE A 262 7.92 9.21 13.07
C ILE A 262 7.17 7.84 13.00
N VAL A 263 5.85 7.84 12.85
CA VAL A 263 5.12 6.57 12.80
C VAL A 263 5.54 5.77 11.56
N LEU A 264 5.55 6.43 10.39
CA LEU A 264 5.96 5.74 9.16
C LEU A 264 7.44 5.23 9.25
N ALA A 265 8.34 6.03 9.82
CA ALA A 265 9.74 5.57 9.97
C ALA A 265 9.84 4.34 10.90
N TRP A 266 8.93 4.25 11.88
CA TRP A 266 8.96 3.10 12.79
C TRP A 266 8.55 1.83 11.98
N TYR A 267 7.56 1.96 11.08
CA TYR A 267 7.22 0.78 10.28
C TYR A 267 8.42 0.39 9.43
N LEU A 268 9.07 1.37 8.77
CA LEU A 268 10.22 1.03 7.92
C LEU A 268 11.39 0.40 8.70
N ALA A 269 11.50 0.70 9.99
CA ALA A 269 12.57 0.12 10.79
C ALA A 269 12.33 -1.37 11.04
N ARG A 270 11.11 -1.85 10.85
CA ARG A 270 10.83 -3.30 11.02
C ARG A 270 11.61 -4.12 9.96
N PRO A 271 12.24 -5.23 10.38
CA PRO A 271 12.96 -6.02 9.34
C PRO A 271 12.03 -6.52 8.21
N GLU A 272 10.74 -6.66 8.51
CA GLU A 272 9.75 -7.20 7.56
C GLU A 272 9.22 -6.26 6.48
N ILE A 273 9.48 -4.96 6.67
CA ILE A 273 8.95 -3.91 5.80
C ILE A 273 10.02 -3.12 5.10
N ASP A 274 9.95 -3.06 3.77
CA ASP A 274 10.92 -2.33 2.96
C ASP A 274 10.41 -1.02 2.39
N ILE A 275 9.08 -0.91 2.17
CA ILE A 275 8.52 0.31 1.57
C ILE A 275 7.14 0.62 2.11
N LEU A 276 6.78 1.90 2.20
CA LEU A 276 5.44 2.32 2.63
C LEU A 276 4.78 3.07 1.44
N ILE A 277 3.44 2.97 1.34
CA ILE A 277 2.74 3.63 0.25
C ILE A 277 1.66 4.55 0.79
N PRO A 278 2.07 5.66 1.41
CA PRO A 278 1.00 6.53 1.90
C PRO A 278 0.23 7.15 0.70
N GLY A 279 -1.01 7.55 0.97
CA GLY A 279 -1.83 8.12 -0.07
C GLY A 279 -1.70 9.63 -0.11
N ALA A 280 -2.31 10.22 -1.13
CA ALA A 280 -2.30 11.66 -1.33
C ALA A 280 -3.32 12.02 -2.40
N LYS A 281 -3.83 13.24 -2.35
CA LYS A 281 -4.74 13.69 -3.38
C LYS A 281 -4.02 14.68 -4.26
N ARG A 282 -3.02 15.36 -3.70
CA ARG A 282 -2.28 16.36 -4.45
C ARG A 282 -0.77 16.19 -4.26
N ALA A 283 -0.05 16.77 -5.21
CA ALA A 283 1.41 16.70 -5.22
C ALA A 283 2.02 17.20 -3.92
N ASP A 284 1.45 18.23 -3.32
CA ASP A 284 2.09 18.71 -2.10
C ASP A 284 2.03 17.73 -0.90
N GLN A 285 0.99 16.90 -0.83
CA GLN A 285 0.87 15.96 0.27
C GLN A 285 1.89 14.81 0.16
N LEU A 286 2.11 14.35 -1.07
CA LEU A 286 3.11 13.29 -1.29
C LEU A 286 4.51 13.88 -0.98
N ILE A 287 4.79 15.09 -1.45
CA ILE A 287 6.09 15.67 -1.13
C ILE A 287 6.34 15.73 0.40
N ASP A 288 5.29 16.03 1.19
CA ASP A 288 5.48 16.06 2.65
C ASP A 288 5.83 14.63 3.12
N ASN A 289 5.31 13.60 2.46
CA ASN A 289 5.71 12.31 3.00
C ASN A 289 7.08 11.73 2.63
N ILE A 290 7.78 12.39 1.70
CA ILE A 290 9.14 11.95 1.34
C ILE A 290 10.13 12.14 2.52
N LYS A 291 9.86 13.14 3.37
CA LYS A 291 10.67 13.47 4.56
C LYS A 291 10.94 12.24 5.41
N THR A 292 9.93 11.37 5.43
CA THR A 292 10.03 10.14 6.21
C THR A 292 11.36 9.39 5.98
N ALA A 293 11.80 9.35 4.73
CA ALA A 293 12.99 8.60 4.35
C ALA A 293 14.29 9.06 5.03
N ASP A 294 14.35 10.31 5.45
CA ASP A 294 15.56 10.81 6.10
C ASP A 294 15.59 10.65 7.61
N VAL A 295 14.52 10.08 8.18
CA VAL A 295 14.47 9.90 9.62
C VAL A 295 15.23 8.65 10.02
N THR A 296 16.11 8.77 11.02
CA THR A 296 16.83 7.61 11.53
C THR A 296 16.48 7.49 13.02
N LEU A 297 15.56 6.60 13.37
CA LEU A 297 15.17 6.45 14.78
C LEU A 297 16.25 5.69 15.60
N SER A 298 16.49 6.11 16.84
CA SER A 298 17.46 5.35 17.64
C SER A 298 16.80 4.06 18.16
N GLN A 299 17.59 3.16 18.71
CA GLN A 299 16.99 1.94 19.25
C GLN A 299 16.07 2.29 20.45
N GLU A 300 16.40 3.34 21.19
CA GLU A 300 15.54 3.73 22.32
C GLU A 300 14.20 4.33 21.82
N ASP A 301 14.22 5.05 20.70
CA ASP A 301 12.99 5.60 20.13
C ASP A 301 12.07 4.41 19.70
N ILE A 302 12.67 3.48 18.97
CA ILE A 302 11.95 2.28 18.48
C ILE A 302 11.34 1.48 19.65
N SER A 303 12.12 1.23 20.69
CA SER A 303 11.60 0.46 21.85
C SER A 303 10.46 1.22 22.59
N PHE A 304 10.64 2.52 22.77
CA PHE A 304 9.63 3.28 23.47
C PHE A 304 8.28 3.21 22.70
N ILE A 305 8.34 3.39 21.37
CA ILE A 305 7.08 3.35 20.59
C ILE A 305 6.46 2.00 20.66
N ASP A 306 7.31 0.97 20.56
CA ASP A 306 6.82 -0.41 20.66
C ASP A 306 6.03 -0.62 21.98
N LYS A 307 6.60 -0.17 23.11
CA LYS A 307 5.91 -0.41 24.38
C LYS A 307 4.69 0.50 24.59
N LEU A 308 4.80 1.76 24.13
CA LEU A 308 3.71 2.74 24.25
C LEU A 308 2.45 2.19 23.52
N PHE A 309 2.67 1.52 22.38
CA PHE A 309 1.56 0.99 21.61
C PHE A 309 1.44 -0.52 21.73
N ALA A 310 1.86 -1.05 22.87
CA ALA A 310 1.74 -2.50 23.11
C ALA A 310 0.26 -2.89 23.02
N PRO A 311 -0.03 -4.07 22.43
CA PRO A 311 -1.41 -4.56 22.30
C PRO A 311 -2.09 -4.64 23.66
N GLY A 312 -3.35 -4.23 23.68
CA GLY A 312 -4.12 -4.20 24.93
C GLY A 312 -4.81 -5.53 25.16
#